data_5M6E
#
_entry.id   5M6E
#
_cell.length_a   71.525
_cell.length_b   71.525
_cell.length_c   105.693
_cell.angle_alpha   90.00
_cell.angle_beta   90.00
_cell.angle_gamma   90.00
#
_symmetry.space_group_name_H-M   'P 41 2 2'
#
loop_
_entity.id
_entity.type
_entity.pdbx_description
1 polymer 'E3 ubiquitin-protein ligase XIAP'
2 non-polymer 'ZINC ION'
3 non-polymer 'SODIUM ION'
4 non-polymer 'DIMETHYL SULFOXIDE'
5 non-polymer 1-[3,3-dimethyl-6-(phenylmethyl)-2~{H}-pyrrolo[3,2-c]pyridin-1-yl]-2-[(2~{R},5~{R})-5-methyl-2-[(4-methylpyrazol-1-yl)methyl]piperazin-4-ium-1-yl]ethanone
6 water water
#
_entity_poly.entity_id   1
_entity_poly.type   'polypeptide(L)'
_entity_poly.pdbx_seq_one_letter_code
;MGSSHHHHHHSSGLVPRGSHMNFPNSTNLPRNPSMADYEARIFTFGTWIYSVNKEQLARAGFYALGEGDKVKCFHCGGGL
TDWKPSEDPWEQHAKWYPGCKYLLEQKGQEYINNIHLTHSLEECLVR
;
_entity_poly.pdbx_strand_id   A
#
loop_
_chem_comp.id
_chem_comp.type
_chem_comp.name
_chem_comp.formula
7HT non-polymer 1-[3,3-dimethyl-6-(phenylmethyl)-2~{H}-pyrrolo[3,2-c]pyridin-1-yl]-2-[(2~{R},5~{R})-5-methyl-2-[(4-methylpyrazol-1-yl)methyl]piperazin-4-ium-1-yl]ethanone 'C28 H37 N6 O 1'
DMS non-polymer 'DIMETHYL SULFOXIDE' 'C2 H6 O S'
NA non-polymer 'SODIUM ION' 'Na 1'
ZN non-polymer 'ZINC ION' 'Zn 2'
#
# COMPACT_ATOMS: atom_id res chain seq x y z
N MET A 21 -2.10 10.10 13.41
CA MET A 21 -2.27 9.94 11.93
C MET A 21 -3.50 10.69 11.39
N ASN A 22 -3.44 11.10 10.11
CA ASN A 22 -4.54 11.85 9.47
C ASN A 22 -5.57 10.85 8.96
N PHE A 23 -6.79 11.29 8.72
CA PHE A 23 -7.81 10.42 8.13
C PHE A 23 -7.34 9.96 6.75
N PRO A 24 -7.73 8.74 6.32
CA PRO A 24 -7.32 8.24 5.01
C PRO A 24 -8.14 8.94 3.89
N ASN A 25 -7.47 9.31 2.80
CA ASN A 25 -8.18 9.93 1.66
C ASN A 25 -8.95 8.86 0.89
N SER A 26 -10.26 9.02 0.87
CA SER A 26 -11.13 8.12 0.15
C SER A 26 -11.74 8.73 -1.11
N THR A 27 -11.31 9.92 -1.54
CA THR A 27 -11.83 10.48 -2.82
C THR A 27 -11.06 9.89 -3.98
N ASN A 28 -11.52 10.18 -5.20
CA ASN A 28 -10.80 9.81 -6.42
C ASN A 28 -9.65 10.75 -6.78
N LEU A 29 -9.38 11.76 -5.95
CA LEU A 29 -8.29 12.68 -6.17
C LEU A 29 -7.14 12.35 -5.22
N PRO A 30 -5.93 12.21 -5.77
CA PRO A 30 -4.79 11.86 -4.92
C PRO A 30 -4.38 12.96 -3.95
N ARG A 31 -3.97 12.57 -2.76
CA ARG A 31 -3.53 13.52 -1.76
C ARG A 31 -2.16 14.12 -2.10
N ASN A 32 -1.27 13.32 -2.69
CA ASN A 32 0.00 13.83 -3.13
C ASN A 32 0.22 13.66 -4.63
N PRO A 33 -0.34 14.57 -5.44
CA PRO A 33 -0.11 14.53 -6.89
C PRO A 33 1.36 14.56 -7.36
N SER A 34 2.28 15.16 -6.58
CA SER A 34 3.70 15.14 -6.94
C SER A 34 4.25 13.71 -7.03
N MET A 35 3.61 12.77 -6.34
CA MET A 35 4.02 11.36 -6.37
C MET A 35 3.11 10.43 -7.19
N ALA A 36 2.29 11.00 -8.07
CA ALA A 36 1.39 10.24 -8.93
C ALA A 36 2.10 9.39 -9.97
N ASP A 37 3.27 9.82 -10.41
CA ASP A 37 4.02 9.08 -11.42
C ASP A 37 4.89 8.04 -10.75
N TYR A 38 4.85 6.83 -11.31
CA TYR A 38 5.73 5.76 -10.88
C TYR A 38 7.19 6.22 -10.73
N GLU A 39 7.75 6.88 -11.74
CA GLU A 39 9.17 7.24 -11.68
C GLU A 39 9.49 8.22 -10.55
N ALA A 40 8.56 9.13 -10.26
CA ALA A 40 8.75 10.03 -9.14
C ALA A 40 8.82 9.26 -7.80
N ARG A 41 7.96 8.26 -7.64
CA ARG A 41 8.00 7.44 -6.42
C ARG A 41 9.31 6.67 -6.30
N ILE A 42 9.81 6.14 -7.41
CA ILE A 42 11.06 5.37 -7.40
C ILE A 42 12.20 6.18 -6.86
N PHE A 43 12.38 7.41 -7.34
CA PHE A 43 13.48 8.26 -6.88
C PHE A 43 13.55 8.44 -5.36
N THR A 44 12.42 8.37 -4.67
CA THR A 44 12.38 8.65 -3.23
C THR A 44 13.11 7.62 -2.38
N PHE A 45 13.27 6.39 -2.88
CA PHE A 45 13.86 5.30 -2.11
C PHE A 45 15.37 5.43 -2.03
N GLY A 46 16.03 5.76 -3.13
CA GLY A 46 17.49 5.69 -3.21
C GLY A 46 17.95 4.25 -3.03
N THR A 47 19.16 4.04 -2.55
CA THR A 47 19.61 2.69 -2.21
C THR A 47 18.71 2.13 -1.08
N TRP A 48 18.09 0.98 -1.35
CA TRP A 48 17.03 0.44 -0.48
C TRP A 48 17.51 -0.90 0.05
N ILE A 49 17.71 -0.98 1.37
CA ILE A 49 18.27 -2.19 1.98
C ILE A 49 17.20 -3.17 2.44
N TYR A 50 15.95 -2.76 2.40
CA TYR A 50 14.90 -3.48 3.10
C TYR A 50 14.43 -4.72 2.34
N SER A 51 13.75 -5.59 3.08
CA SER A 51 13.40 -6.92 2.58
C SER A 51 12.39 -6.81 1.41
N VAL A 52 11.54 -5.81 1.47
CA VAL A 52 10.58 -5.58 0.42
C VAL A 52 11.12 -4.72 -0.73
N ASN A 53 10.79 -5.21 -1.91
CA ASN A 53 11.21 -4.74 -3.21
C ASN A 53 10.68 -3.32 -3.48
N LYS A 54 11.56 -2.39 -3.82
CA LYS A 54 11.14 -1.00 -4.02
C LYS A 54 10.27 -0.79 -5.25
N GLU A 55 10.54 -1.50 -6.34
CA GLU A 55 9.71 -1.33 -7.53
C GLU A 55 8.29 -1.87 -7.27
N GLN A 56 8.20 -2.97 -6.52
CA GLN A 56 6.92 -3.54 -6.09
C GLN A 56 6.15 -2.54 -5.23
N LEU A 57 6.86 -1.86 -4.34
CA LEU A 57 6.27 -0.78 -3.52
C LEU A 57 5.79 0.38 -4.40
N ALA A 58 6.66 0.84 -5.31
CA ALA A 58 6.28 1.93 -6.19
C ALA A 58 5.01 1.57 -6.97
N ARG A 59 4.97 0.35 -7.52
CA ARG A 59 3.81 -0.11 -8.30
C ARG A 59 2.49 -0.11 -7.51
N ALA A 60 2.58 -0.42 -6.22
CA ALA A 60 1.45 -0.39 -5.31
C ALA A 60 1.13 1.02 -4.75
N GLY A 61 1.69 2.06 -5.35
CA GLY A 61 1.39 3.44 -5.03
C GLY A 61 2.27 4.10 -3.99
N PHE A 62 3.25 3.37 -3.46
CA PHE A 62 4.02 3.80 -2.32
C PHE A 62 5.28 4.56 -2.71
N TYR A 63 5.62 5.57 -1.92
CA TYR A 63 6.91 6.28 -2.02
C TYR A 63 7.51 6.30 -0.62
N ALA A 64 8.83 6.37 -0.57
CA ALA A 64 9.59 6.37 0.68
C ALA A 64 9.63 7.73 1.35
N LEU A 65 9.55 7.70 2.68
CA LEU A 65 9.78 8.91 3.50
C LEU A 65 11.23 9.18 3.90
N GLY A 66 12.09 8.16 3.81
CA GLY A 66 13.48 8.33 4.22
C GLY A 66 13.75 8.11 5.69
N GLU A 67 12.80 7.55 6.44
CA GLU A 67 13.12 6.99 7.75
C GLU A 67 12.73 5.53 7.89
N GLY A 68 13.76 4.70 8.07
CA GLY A 68 13.60 3.28 7.97
C GLY A 68 12.90 2.94 6.67
N ASP A 69 11.96 2.00 6.76
CA ASP A 69 11.16 1.55 5.62
C ASP A 69 9.71 2.11 5.65
N LYS A 70 9.52 3.31 6.21
CA LYS A 70 8.22 3.97 6.17
C LYS A 70 7.93 4.37 4.73
N VAL A 71 6.73 4.04 4.28
CA VAL A 71 6.22 4.48 3.00
C VAL A 71 4.84 5.10 3.17
N LYS A 72 4.44 5.91 2.21
CA LYS A 72 3.08 6.48 2.13
C LYS A 72 2.56 6.28 0.72
N CYS A 73 1.27 5.99 0.61
CA CYS A 73 0.60 5.91 -0.68
C CYS A 73 0.39 7.34 -1.17
N PHE A 74 0.69 7.58 -2.44
CA PHE A 74 0.48 8.91 -3.05
C PHE A 74 -0.97 9.34 -3.08
N HIS A 75 -1.87 8.36 -3.12
CA HIS A 75 -3.27 8.65 -3.32
C HIS A 75 -4.05 8.76 -2.01
N CYS A 76 -4.11 7.67 -1.23
CA CYS A 76 -4.84 7.72 0.04
C CYS A 76 -4.05 8.41 1.18
N GLY A 77 -2.76 8.58 1.02
CA GLY A 77 -1.91 9.13 2.08
C GLY A 77 -1.51 8.07 3.12
N GLY A 78 -1.92 6.81 2.93
CA GLY A 78 -1.78 5.80 3.96
C GLY A 78 -0.35 5.36 4.18
N GLY A 79 0.05 5.29 5.45
CA GLY A 79 1.40 5.01 5.87
C GLY A 79 1.55 3.60 6.40
N LEU A 80 2.67 2.99 6.07
CA LEU A 80 3.05 1.66 6.54
C LEU A 80 4.54 1.60 6.82
N THR A 81 4.91 0.69 7.72
CA THR A 81 6.29 0.50 8.10
C THR A 81 6.60 -0.94 8.48
N ASP A 82 7.87 -1.20 8.74
CA ASP A 82 8.33 -2.48 9.30
C ASP A 82 7.93 -3.69 8.43
N TRP A 83 8.38 -3.65 7.19
CA TRP A 83 8.07 -4.66 6.18
C TRP A 83 8.84 -5.96 6.41
N LYS A 84 8.12 -7.03 6.70
CA LYS A 84 8.66 -8.39 6.75
C LYS A 84 8.69 -8.93 5.32
N PRO A 85 9.54 -9.95 5.05
CA PRO A 85 9.65 -10.41 3.65
C PRO A 85 8.39 -11.12 3.14
N SER A 86 7.60 -11.68 4.07
CA SER A 86 6.28 -12.26 3.76
C SER A 86 5.12 -11.24 3.52
N GLU A 87 5.38 -9.93 3.63
CA GLU A 87 4.33 -8.92 3.52
C GLU A 87 4.38 -8.31 2.12
N ASP A 88 3.26 -8.43 1.41
CA ASP A 88 3.14 -7.97 0.04
C ASP A 88 2.60 -6.54 0.04
N PRO A 89 3.25 -5.63 -0.70
CA PRO A 89 2.71 -4.25 -0.78
C PRO A 89 1.23 -4.08 -1.09
N TRP A 90 0.71 -4.76 -2.09
CA TRP A 90 -0.71 -4.62 -2.46
C TRP A 90 -1.62 -5.15 -1.38
N GLU A 91 -1.29 -6.32 -0.83
CA GLU A 91 -2.05 -6.89 0.25
C GLU A 91 -2.11 -5.98 1.46
N GLN A 92 -0.97 -5.42 1.86
CA GLN A 92 -0.94 -4.52 3.01
C GLN A 92 -1.71 -3.22 2.77
N HIS A 93 -1.62 -2.73 1.53
CA HIS A 93 -2.34 -1.53 1.10
C HIS A 93 -3.83 -1.79 1.33
N ALA A 94 -4.33 -2.93 0.83
CA ALA A 94 -5.71 -3.32 1.07
C ALA A 94 -6.08 -3.56 2.54
N LYS A 95 -5.19 -4.20 3.29
CA LYS A 95 -5.49 -4.52 4.70
C LYS A 95 -5.79 -3.25 5.48
N TRP A 96 -4.89 -2.29 5.38
CA TRP A 96 -4.89 -1.12 6.22
C TRP A 96 -5.60 0.12 5.62
N TYR A 97 -5.67 0.20 4.29
CA TYR A 97 -6.28 1.32 3.58
C TYR A 97 -7.30 0.86 2.55
N PRO A 98 -8.34 0.17 3.01
CA PRO A 98 -9.32 -0.42 2.10
C PRO A 98 -10.18 0.58 1.29
N GLY A 99 -10.26 1.83 1.74
CA GLY A 99 -10.99 2.90 1.00
C GLY A 99 -10.24 3.58 -0.14
N CYS A 100 -8.98 3.21 -0.35
CA CYS A 100 -8.14 3.87 -1.30
C CYS A 100 -8.60 3.70 -2.74
N LYS A 101 -8.89 4.79 -3.43
CA LYS A 101 -9.37 4.69 -4.81
C LYS A 101 -8.34 4.21 -5.82
N TYR A 102 -7.09 4.56 -5.60
CA TYR A 102 -6.00 4.04 -6.41
C TYR A 102 -5.97 2.51 -6.35
N LEU A 103 -5.95 1.96 -5.13
CA LEU A 103 -6.08 0.51 -4.91
C LEU A 103 -7.24 -0.12 -5.68
N LEU A 104 -8.42 0.49 -5.55
CA LEU A 104 -9.59 -0.01 -6.28
C LEU A 104 -9.41 0.04 -7.80
N GLU A 105 -8.83 1.11 -8.34
CA GLU A 105 -8.63 1.21 -9.78
CA GLU A 105 -8.66 1.18 -9.80
C GLU A 105 -7.70 0.10 -10.27
N GLN A 106 -6.59 -0.09 -9.58
CA GLN A 106 -5.52 -1.01 -10.03
C GLN A 106 -5.84 -2.49 -9.85
N LYS A 107 -6.46 -2.85 -8.73
CA LYS A 107 -6.68 -4.24 -8.36
C LYS A 107 -8.12 -4.77 -8.49
N GLY A 108 -9.12 -3.91 -8.34
CA GLY A 108 -10.53 -4.32 -8.46
C GLY A 108 -11.09 -4.74 -7.12
N GLN A 109 -12.42 -4.70 -6.95
CA GLN A 109 -13.06 -5.00 -5.63
C GLN A 109 -13.06 -6.55 -5.39
N GLU A 110 -13.04 -7.33 -6.45
CA GLU A 110 -12.93 -8.78 -6.36
CA GLU A 110 -12.94 -8.79 -6.33
C GLU A 110 -11.66 -9.19 -5.58
N TYR A 111 -10.50 -8.69 -6.03
CA TYR A 111 -9.20 -8.87 -5.34
C TYR A 111 -9.27 -8.35 -3.93
N ILE A 112 -9.90 -7.19 -3.79
CA ILE A 112 -9.91 -6.51 -2.52
C ILE A 112 -10.71 -7.30 -1.50
N ASN A 113 -11.81 -7.92 -1.93
CA ASN A 113 -12.60 -8.72 -1.04
C ASN A 113 -11.88 -9.97 -0.59
N ASN A 114 -11.18 -10.67 -1.51
CA ASN A 114 -10.46 -11.92 -1.17
CA ASN A 114 -10.51 -11.93 -1.13
C ASN A 114 -9.42 -11.61 -0.13
N ILE A 115 -8.71 -10.51 -0.32
CA ILE A 115 -7.68 -10.07 0.64
C ILE A 115 -8.25 -9.84 2.04
N HIS A 116 -9.39 -9.15 2.11
CA HIS A 116 -10.07 -8.90 3.37
C HIS A 116 -10.52 -10.17 4.00
N LEU A 117 -11.20 -10.99 3.21
CA LEU A 117 -11.62 -12.31 3.70
C LEU A 117 -10.47 -13.13 4.24
N THR A 118 -9.36 -13.11 3.52
CA THR A 118 -8.19 -13.89 3.87
C THR A 118 -7.58 -13.44 5.19
N HIS A 119 -7.50 -12.13 5.38
CA HIS A 119 -6.95 -11.54 6.61
C HIS A 119 -7.85 -11.74 7.78
N SER A 120 -9.13 -11.43 7.57
CA SER A 120 -10.13 -11.59 8.60
C SER A 120 -10.31 -13.05 8.98
N LEU A 121 -9.98 -13.98 8.07
CA LEU A 121 -9.93 -15.42 8.41
C LEU A 121 -8.63 -15.80 9.11
N GLU A 122 -7.48 -15.29 8.67
CA GLU A 122 -6.19 -15.66 9.29
C GLU A 122 -6.21 -15.57 10.83
N GLU A 123 -6.92 -14.55 11.32
CA GLU A 123 -7.21 -14.38 12.75
CA GLU A 123 -7.21 -14.39 12.76
C GLU A 123 -7.84 -15.63 13.41
N CYS A 124 -8.87 -16.21 12.76
CA CYS A 124 -9.55 -17.39 13.27
CA CYS A 124 -9.54 -17.42 13.29
C CYS A 124 -8.50 -18.44 13.67
N LEU A 125 -7.66 -18.82 12.71
CA LEU A 125 -6.62 -19.85 12.96
C LEU A 125 -5.57 -19.41 14.01
N VAL A 126 -5.26 -18.10 14.05
CA VAL A 126 -4.38 -17.49 15.07
C VAL A 126 -5.13 -17.28 16.39
ZN ZN B . -3.66 4.20 -1.26
NA NA C . 16.99 6.45 1.26
S DMS D . -0.22 7.03 8.60
O DMS D . -0.77 6.35 9.83
C1 DMS D . -1.64 7.60 7.68
C2 DMS D . 0.38 8.62 9.14
C1 7HT E . 3.93 -3.83 6.09
C2 7HT E . 3.31 -4.06 7.47
C3 7HT E . 2.53 -2.85 7.96
N4 7HT E . 2.08 -2.99 9.35
C5 7HT E . 1.09 -1.98 9.73
C6 7HT E . 1.63 -0.57 9.86
C10 7HT E . -1.19 1.46 11.18
C11 7HT E . -2.11 1.90 10.02
C12 7HT E . -1.99 1.46 12.47
C13 7HT E . 0.04 2.35 11.28
C14 7HT E . 0.16 3.65 11.73
C16 7HT E . 2.44 3.66 11.32
C19 7HT E . 4.25 4.79 8.95
C21 7HT E . 4.20 6.96 7.95
C22 7HT E . 3.84 7.51 9.16
C23 7HT E . 3.69 6.70 10.26
C24 7HT E . 2.40 2.32 10.84
C25 7HT E . 1.17 1.68 10.83
C26 7HT E . 3.15 -3.30 10.34
C27 7HT E . 2.68 -3.48 11.79
C31 7HT E . 3.57 0.98 13.92
O7 7HT E . 2.75 -0.30 9.47
N8 7HT E . 0.80 0.37 10.42
C9 7HT E . -0.57 0.07 10.91
N15 7HT E . 1.34 4.28 11.76
C17 7HT E . 3.72 4.45 11.38
C18 7HT E . 3.89 5.33 10.18
C20 7HT E . 4.40 5.60 7.84
N28 7HT E . 2.57 -2.22 12.52
C29 7HT E . 3.51 -1.27 12.70
C30 7HT E . 2.94 -0.29 13.45
C32 7HT E . 1.63 -0.71 13.69
N33 7HT E . 1.40 -1.88 13.12
C34 7HT E . 3.88 -4.55 9.85
N35 7HT E . 4.40 -4.36 8.46
H37 7HT E . 3.53 -3.04 5.69
H38 7HT E . 3.77 -4.61 5.54
H36 7HT E . 4.89 -3.69 6.19
H39 7HT E . 2.72 -4.84 7.43
H41 7HT E . 3.09 -2.05 7.88
H40 7HT E . 1.74 -2.73 7.38
H43 7HT E . 0.37 -1.98 9.06
H42 7HT E . 0.69 -2.24 10.58
H46 7HT E . -1.84 2.81 9.73
H47 7HT E . -3.04 1.92 10.34
H48 7HT E . -2.02 1.28 9.28
H51 7HT E . -2.60 2.23 12.49
H49 7HT E . -1.37 1.51 13.24
H50 7HT E . -2.51 0.63 12.54
H52 7HT E . -0.60 4.10 12.03
H55 7HT E . 4.39 3.85 8.87
H57 7HT E . 4.30 7.51 7.20
H58 7HT E . 3.70 8.43 9.22
H59 7HT E . 3.43 7.08 11.10
H60 7HT E . 3.18 1.89 10.54
H61 7HT E . 3.81 -2.57 10.33
H63 7HT E . 1.80 -3.92 11.79
H62 7HT E . 3.31 -4.07 12.26
H65 7HT E . 2.92 1.51 14.41
H66 7HT E . 3.90 1.48 13.15
H67 7HT E . 4.33 0.77 14.51
H45 7HT E . -1.08 -0.42 10.23
H44 7HT E . -0.54 -0.46 11.73
H54 7HT E . 3.72 5.00 12.19
H53 7HT E . 4.48 3.83 11.43
H56 7HT E . 4.65 5.23 7.01
H64 7HT E . 4.40 -1.30 12.38
H68 7HT E . 0.98 -0.23 14.19
H69 7HT E . 3.27 -5.32 9.86
H70 7HT E . 4.63 -4.75 10.44
H72 7HT E . 4.99 -3.66 8.47
H71 7HT E . 4.84 -5.10 8.21
#